data_8VNL
#
_entry.id   8VNL
#
_cell.length_a   114.060
_cell.length_b   114.060
_cell.length_c   88.020
_cell.angle_alpha   90.00
_cell.angle_beta   90.00
_cell.angle_gamma   120.00
#
_symmetry.space_group_name_H-M   'P 31 2 1'
#
loop_
_entity.id
_entity.type
_entity.pdbx_description
1 polymer "DNA (5'-D(*TP*TP*GP*AP*CP*TP*CP*TP*CP*TP*TP*AP*A)-3')"
2 polymer "DNA (5'-D(P*GP*AP*GP*AP*GP*TP*CP*A)-3')"
3 polymer 'Intron-encoded endonuclease I-PpoI'
4 non-polymer GLYCEROL
5 non-polymer 'MANGANESE (II) ION'
6 non-polymer 'SODIUM ION'
7 non-polymer 'ZINC ION'
8 water water
#
loop_
_entity_poly.entity_id
_entity_poly.type
_entity_poly.pdbx_seq_one_letter_code
_entity_poly.pdbx_strand_id
1 'polydeoxyribonucleotide' (DT)(DT)(DG)(DA)(DC)(DT)(DC)(DT)(DC)(DT)(DT)(DA)(DA) C,D
2 'polydeoxyribonucleotide' (DG)(DA)(DG)(DA)(DG)(DT)(DC)(DA) c,d
3 'polypeptide(L)'
;ALTNAQILAVIDSWEETVGQFPVITHHVPLGGGLQGTLHCYEIPLAAPYGVGFAKNGPTRWQYKRTINQVVHRWGSHTVP
FLLEPDNINGKTCTASHLCHNTRCHNPLHLCWESLDDNKGRNWCPGPNGGCVHAVVCLRQGPLYGPGATVAGPQQRGSHF
VV
;
A,B
#
loop_
_chem_comp.id
_chem_comp.type
_chem_comp.name
_chem_comp.formula
DA DNA linking 2'-DEOXYADENOSINE-5'-MONOPHOSPHATE 'C10 H14 N5 O6 P'
DC DNA linking 2'-DEOXYCYTIDINE-5'-MONOPHOSPHATE 'C9 H14 N3 O7 P'
DG DNA linking 2'-DEOXYGUANOSINE-5'-MONOPHOSPHATE 'C10 H14 N5 O7 P'
DT DNA linking THYMIDINE-5'-MONOPHOSPHATE 'C10 H15 N2 O8 P'
GOL non-polymer GLYCEROL 'C3 H8 O3'
MN non-polymer 'MANGANESE (II) ION' 'Mn 2'
NA non-polymer 'SODIUM ION' 'Na 1'
ZN non-polymer 'ZINC ION' 'Zn 2'
#
# COMPACT_ATOMS: atom_id res chain seq x y z
N ALA E 1 -11.64 21.81 27.60
CA ALA E 1 -10.66 21.20 26.70
C ALA E 1 -9.30 21.89 26.78
N LEU E 2 -8.27 21.18 26.36
CA LEU E 2 -6.90 21.66 26.55
C LEU E 2 -6.67 22.91 25.72
N THR E 3 -6.07 23.93 26.33
CA THR E 3 -5.78 25.18 25.66
C THR E 3 -4.58 25.01 24.72
N ASN E 4 -4.41 25.99 23.83
CA ASN E 4 -3.24 25.99 22.96
C ASN E 4 -1.95 25.92 23.76
N ALA E 5 -1.86 26.70 24.85
CA ALA E 5 -0.67 26.65 25.69
C ALA E 5 -0.46 25.25 26.24
N GLN E 6 -1.54 24.59 26.69
CA GLN E 6 -1.41 23.26 27.26
C GLN E 6 -0.99 22.23 26.21
N ILE E 7 -1.51 22.36 24.99
CA ILE E 7 -1.08 21.46 23.91
C ILE E 7 0.39 21.66 23.60
N LEU E 8 0.83 22.92 23.52
CA LEU E 8 2.24 23.20 23.30
C LEU E 8 3.09 22.59 24.40
N ALA E 9 2.60 22.64 25.65
CA ALA E 9 3.33 22.04 26.75
C ALA E 9 3.43 20.53 26.61
N VAL E 10 2.36 19.88 26.12
CA VAL E 10 2.41 18.44 25.84
C VAL E 10 3.45 18.15 24.76
N ILE E 11 3.44 18.94 23.68
CA ILE E 11 4.41 18.71 22.61
C ILE E 11 5.84 18.88 23.12
N ASP E 12 6.05 19.91 23.95
CA ASP E 12 7.38 20.16 24.50
C ASP E 12 7.85 19.03 25.42
N SER E 13 6.96 18.49 26.25
CA SER E 13 7.35 17.39 27.16
C SER E 13 7.68 16.14 26.33
N TRP E 14 6.90 15.92 25.28
CA TRP E 14 7.13 14.75 24.39
C TRP E 14 8.49 14.88 23.71
N GLU E 15 8.79 16.07 23.20
CA GLU E 15 10.07 16.26 22.46
C GLU E 15 11.22 16.06 23.45
N GLU E 16 11.02 16.53 24.68
CA GLU E 16 12.12 16.45 25.67
C GLU E 16 12.41 14.98 25.98
N THR E 17 11.35 14.19 26.14
CA THR E 17 11.51 12.75 26.45
C THR E 17 12.06 11.97 25.23
N VAL E 18 11.50 12.22 24.05
CA VAL E 18 11.93 11.46 22.82
C VAL E 18 13.38 11.84 22.49
N GLY E 19 13.75 13.07 22.79
CA GLY E 19 15.11 13.54 22.47
C GLY E 19 16.13 12.70 23.23
N GLN E 20 15.70 12.08 24.32
CA GLN E 20 16.63 11.28 25.16
C GLN E 20 16.60 9.81 24.73
N PHE E 21 15.75 9.46 23.76
CA PHE E 21 15.79 8.11 23.22
C PHE E 21 17.14 7.84 22.56
N PRO E 22 17.58 6.59 22.52
CA PRO E 22 18.80 6.27 21.76
C PRO E 22 18.72 6.77 20.32
N VAL E 23 19.78 7.46 19.88
CA VAL E 23 19.86 7.97 18.52
C VAL E 23 20.70 7.01 17.69
N ILE E 24 20.10 6.43 16.66
CA ILE E 24 20.71 5.40 15.84
C ILE E 24 20.95 5.95 14.46
N THR E 25 22.17 5.82 13.96
CA THR E 25 22.53 6.31 12.63
C THR E 25 22.28 5.18 11.62
N HIS E 26 21.50 5.48 10.58
CA HIS E 26 21.15 4.50 9.55
C HIS E 26 21.56 5.02 8.18
N HIS E 27 22.27 4.20 7.41
CA HIS E 27 22.59 4.54 6.02
C HIS E 27 21.49 3.99 5.12
N VAL E 28 20.97 4.84 4.23
CA VAL E 28 19.72 4.53 3.52
C VAL E 28 19.85 4.87 2.05
N PRO E 29 19.14 4.15 1.19
CA PRO E 29 19.11 4.52 -0.23
C PRO E 29 18.28 5.78 -0.45
N LEU E 30 18.81 6.70 -1.24
CA LEU E 30 18.09 7.93 -1.58
C LEU E 30 17.45 7.86 -2.96
N GLY E 31 17.72 6.82 -3.72
CA GLY E 31 17.40 6.75 -5.13
C GLY E 31 18.56 7.27 -5.98
N GLY E 32 18.50 6.95 -7.27
CA GLY E 32 19.57 7.37 -8.16
C GLY E 32 20.93 6.79 -7.82
N GLY E 33 20.95 5.63 -7.16
CA GLY E 33 22.20 5.01 -6.75
C GLY E 33 22.95 5.72 -5.66
N LEU E 34 22.34 6.69 -4.98
CA LEU E 34 22.99 7.46 -3.94
C LEU E 34 22.58 6.96 -2.56
N GLN E 35 23.44 7.20 -1.59
CA GLN E 35 23.20 6.78 -0.22
C GLN E 35 23.25 8.00 0.67
N GLY E 36 22.41 8.00 1.70
CA GLY E 36 22.34 9.09 2.65
C GLY E 36 22.31 8.54 4.07
N THR E 37 22.12 9.44 5.04
CA THR E 37 22.17 9.07 6.46
C THR E 37 20.96 9.66 7.17
N LEU E 38 20.26 8.83 7.94
CA LEU E 38 19.16 9.28 8.79
C LEU E 38 19.49 8.96 10.24
N HIS E 39 19.05 9.82 11.15
CA HIS E 39 19.31 9.64 12.58
C HIS E 39 17.96 9.45 13.28
N CYS E 40 17.67 8.19 13.62
CA CYS E 40 16.39 7.83 14.22
C CYS E 40 16.47 7.82 15.74
N TYR E 41 15.44 8.34 16.39
CA TYR E 41 15.37 8.40 17.85
C TYR E 41 14.41 7.28 18.27
N GLU E 42 14.98 6.14 18.69
CA GLU E 42 14.23 4.89 18.73
C GLU E 42 13.72 4.57 20.13
N ILE E 43 12.40 4.34 20.24
CA ILE E 43 11.82 3.96 21.53
C ILE E 43 12.37 2.59 21.93
N PRO E 44 12.62 2.33 23.22
CA PRO E 44 13.18 1.04 23.61
C PRO E 44 12.27 -0.12 23.23
N LEU E 45 12.88 -1.32 23.11
CA LEU E 45 12.17 -2.54 22.73
C LEU E 45 11.24 -3.05 23.82
N ALA E 46 11.49 -2.68 25.07
CA ALA E 46 10.70 -3.18 26.19
C ALA E 46 10.69 -2.12 27.29
N ALA E 47 9.73 -2.26 28.20
CA ALA E 47 9.56 -1.29 29.26
C ALA E 47 10.78 -1.26 30.18
N PRO E 48 11.13 -0.09 30.72
CA PRO E 48 10.47 1.22 30.55
C PRO E 48 10.84 1.91 29.24
N TYR E 49 9.89 2.65 28.66
CA TYR E 49 10.09 3.30 27.37
C TYR E 49 10.48 4.76 27.50
N GLY E 50 10.06 5.42 28.56
CA GLY E 50 10.27 6.84 28.75
C GLY E 50 9.04 7.42 29.41
N VAL E 51 9.22 8.58 30.06
CA VAL E 51 8.14 9.16 30.85
C VAL E 51 6.95 9.45 29.94
N GLY E 52 5.79 8.89 30.29
CA GLY E 52 4.56 9.10 29.56
C GLY E 52 4.27 8.08 28.48
N PHE E 53 5.17 7.13 28.23
CA PHE E 53 5.02 6.22 27.09
C PHE E 53 4.67 4.81 27.55
N ALA E 54 3.81 4.14 26.78
CA ALA E 54 3.45 2.76 27.03
C ALA E 54 3.07 2.09 25.73
N LYS E 55 3.36 0.80 25.65
CA LYS E 55 3.16 0.00 24.46
C LYS E 55 1.76 -0.61 24.45
N ASN E 56 0.98 -0.33 23.40
CA ASN E 56 -0.31 -0.96 23.25
C ASN E 56 -0.36 -2.03 22.17
N GLY E 57 0.70 -2.19 21.38
CA GLY E 57 0.76 -3.26 20.43
C GLY E 57 2.21 -3.54 20.06
N PRO E 58 2.46 -4.64 19.34
CA PRO E 58 3.84 -5.01 19.00
C PRO E 58 4.67 -3.85 18.47
N THR E 59 4.12 -3.01 17.60
CA THR E 59 4.78 -1.79 17.17
C THR E 59 3.82 -0.62 17.25
N ARG E 60 3.08 -0.55 18.37
CA ARG E 60 2.19 0.58 18.66
C ARG E 60 2.46 1.06 20.06
N TRP E 61 2.56 2.39 20.22
CA TRP E 61 2.72 3.02 21.52
C TRP E 61 1.78 4.20 21.67
N GLN E 62 1.57 4.61 22.92
CA GLN E 62 0.77 5.77 23.25
C GLN E 62 1.51 6.66 24.24
N TYR E 63 1.23 7.96 24.16
CA TYR E 63 1.73 8.97 25.08
C TYR E 63 0.57 9.46 25.95
N LYS E 64 0.82 9.58 27.26
CA LYS E 64 -0.25 9.89 28.22
C LYS E 64 0.22 11.00 29.15
N ARG E 65 -0.64 12.01 29.33
CA ARG E 65 -0.38 13.06 30.32
C ARG E 65 -1.68 13.33 31.06
N THR E 66 -1.57 13.62 32.35
CA THR E 66 -2.72 13.96 33.17
C THR E 66 -2.68 15.45 33.46
N ILE E 67 -3.71 16.17 33.03
CA ILE E 67 -3.79 17.62 33.14
C ILE E 67 -5.08 17.99 33.86
N ASN E 68 -4.95 18.75 34.94
CA ASN E 68 -6.10 19.16 35.75
C ASN E 68 -6.97 17.97 36.09
N GLN E 69 -6.32 16.88 36.52
CA GLN E 69 -6.94 15.64 36.98
C GLN E 69 -7.61 14.84 35.87
N VAL E 70 -7.43 15.21 34.60
CA VAL E 70 -8.03 14.45 33.49
C VAL E 70 -6.90 13.78 32.74
N VAL E 71 -7.04 12.48 32.51
CA VAL E 71 -6.07 11.70 31.76
C VAL E 71 -6.31 11.89 30.27
N HIS E 72 -5.26 12.31 29.56
CA HIS E 72 -5.27 12.45 28.10
C HIS E 72 -4.27 11.48 27.51
N ARG E 73 -4.63 10.89 26.36
CA ARG E 73 -3.79 9.90 25.72
C ARG E 73 -3.84 10.06 24.21
N TRP E 74 -2.68 9.91 23.57
CA TRP E 74 -2.54 10.07 22.13
C TRP E 74 -1.67 8.95 21.56
N GLY E 75 -1.90 8.60 20.30
CA GLY E 75 -0.94 7.74 19.62
C GLY E 75 0.44 8.38 19.67
N SER E 76 1.45 7.55 19.91
CA SER E 76 2.76 8.10 20.29
C SER E 76 3.39 8.93 19.18
N HIS E 77 3.05 8.69 17.91
CA HIS E 77 3.62 9.48 16.83
C HIS E 77 2.74 10.66 16.43
N THR E 78 1.54 10.78 17.01
CA THR E 78 0.62 11.86 16.63
C THR E 78 0.91 13.16 17.36
N VAL E 79 1.71 13.13 18.43
CA VAL E 79 1.86 14.31 19.28
C VAL E 79 2.44 15.51 18.53
N PRO E 80 3.41 15.38 17.62
CA PRO E 80 3.91 16.59 16.92
C PRO E 80 2.83 17.33 16.16
N PHE E 81 1.71 16.68 15.84
CA PHE E 81 0.72 17.25 14.94
C PHE E 81 -0.56 17.66 15.65
N LEU E 82 -0.52 17.80 16.99
CA LEU E 82 -1.73 18.11 17.74
C LEU E 82 -2.31 19.48 17.42
N LEU E 83 -1.54 20.40 16.85
CA LEU E 83 -2.06 21.70 16.45
C LEU E 83 -2.41 21.77 14.96
N GLU E 84 -2.42 20.65 14.27
CA GLU E 84 -2.71 20.60 12.84
C GLU E 84 -4.11 20.07 12.59
N PRO E 85 -4.70 20.39 11.43
CA PRO E 85 -5.95 19.72 11.03
C PRO E 85 -5.78 18.21 11.07
N ASP E 86 -6.83 17.51 11.48
CA ASP E 86 -6.74 16.06 11.65
C ASP E 86 -7.41 15.28 10.51
N ASN E 87 -7.91 15.95 9.48
CA ASN E 87 -8.39 15.26 8.29
C ASN E 87 -8.14 16.15 7.08
N ILE E 88 -8.18 15.55 5.90
CA ILE E 88 -7.99 16.29 4.65
C ILE E 88 -8.66 15.49 3.54
N ASN E 89 -9.42 16.18 2.68
CA ASN E 89 -10.15 15.54 1.58
C ASN E 89 -11.05 14.43 2.10
N GLY E 90 -11.58 14.61 3.31
CA GLY E 90 -12.44 13.60 3.90
C GLY E 90 -11.73 12.36 4.40
N LYS E 91 -10.41 12.41 4.53
CA LYS E 91 -9.61 11.28 4.97
C LYS E 91 -8.90 11.63 6.26
N THR E 92 -8.84 10.67 7.19
CA THR E 92 -8.18 10.90 8.47
C THR E 92 -6.68 11.06 8.27
N CYS E 93 -6.09 12.05 8.95
CA CYS E 93 -4.64 12.19 8.93
C CYS E 93 -3.99 11.16 9.86
N THR E 94 -2.86 10.63 9.40
CA THR E 94 -2.07 9.63 10.09
C THR E 94 -0.64 10.13 10.21
N ALA E 95 0.02 9.73 11.30
CA ALA E 95 1.46 9.87 11.39
C ALA E 95 2.12 8.93 10.38
N SER E 96 3.08 9.47 9.62
CA SER E 96 3.66 8.77 8.49
C SER E 96 5.17 8.87 8.59
N HIS E 97 5.83 7.72 8.74
CA HIS E 97 7.28 7.68 8.91
C HIS E 97 8.00 7.87 7.58
N LEU E 98 8.70 8.99 7.44
CA LEU E 98 9.57 9.19 6.27
C LEU E 98 10.79 8.27 6.32
N CYS E 99 11.18 7.83 7.51
CA CYS E 99 12.28 6.89 7.66
C CYS E 99 11.83 5.43 7.64
N HIS E 100 10.53 5.16 7.61
CA HIS E 100 9.99 3.79 7.55
C HIS E 100 10.49 2.93 8.70
N ASN E 101 10.65 3.53 9.87
CA ASN E 101 11.22 2.86 11.04
C ASN E 101 10.24 3.12 12.20
N THR E 102 9.35 2.16 12.45
CA THR E 102 8.21 2.41 13.34
CA THR E 102 8.21 2.44 13.33
C THR E 102 8.65 2.84 14.73
N ARG E 103 9.72 2.26 15.26
CA ARG E 103 10.19 2.62 16.60
C ARG E 103 10.70 4.05 16.67
N CYS E 104 11.06 4.65 15.54
CA CYS E 104 11.58 6.01 15.56
C CYS E 104 10.47 6.99 15.92
N HIS E 105 10.78 7.93 16.83
CA HIS E 105 9.87 9.01 17.19
C HIS E 105 10.47 10.37 16.88
N ASN E 106 11.53 10.43 16.06
CA ASN E 106 12.10 11.71 15.62
C ASN E 106 11.04 12.50 14.86
N PRO E 107 10.57 13.64 15.37
CA PRO E 107 9.55 14.39 14.61
C PRO E 107 10.07 14.92 13.27
N LEU E 108 11.39 15.04 13.08
CA LEU E 108 11.91 15.39 11.76
C LEU E 108 11.83 14.23 10.78
N HIS E 109 11.36 13.07 11.22
CA HIS E 109 11.16 11.91 10.35
C HIS E 109 9.69 11.58 10.16
N LEU E 110 8.79 12.45 10.60
CA LEU E 110 7.35 12.20 10.54
C LEU E 110 6.66 13.25 9.69
N CYS E 111 5.60 12.84 9.01
CA CYS E 111 4.67 13.80 8.44
C CYS E 111 3.24 13.35 8.76
N TRP E 112 2.28 14.12 8.31
CA TRP E 112 0.89 14.00 8.77
C TRP E 112 0.03 14.02 7.52
N GLU E 113 -0.52 12.86 7.14
CA GLU E 113 -1.13 12.74 5.81
C GLU E 113 -2.09 11.55 5.80
N SER E 114 -2.86 11.43 4.72
CA SER E 114 -3.80 10.31 4.61
C SER E 114 -3.07 8.96 4.66
N LEU E 115 -3.82 7.92 5.05
CA LEU E 115 -3.22 6.59 5.08
C LEU E 115 -2.76 6.15 3.68
N ASP E 116 -3.49 6.54 2.62
CA ASP E 116 -3.04 6.22 1.27
C ASP E 116 -1.70 6.88 0.93
N ASP E 117 -1.55 8.17 1.25
CA ASP E 117 -0.28 8.86 1.00
C ASP E 117 0.85 8.18 1.78
N ASN E 118 0.56 7.89 3.05
CA ASN E 118 1.46 7.18 3.94
C ASN E 118 1.94 5.88 3.30
N LYS E 119 1.01 4.97 2.99
CA LYS E 119 1.37 3.70 2.39
C LYS E 119 2.21 3.89 1.13
N GLY E 120 1.80 4.81 0.26
CA GLY E 120 2.46 4.94 -1.04
C GLY E 120 3.93 5.26 -0.93
N ARG E 121 4.33 5.92 0.16
CA ARG E 121 5.77 6.18 0.32
C ARG E 121 6.60 4.89 0.36
N ASN E 122 5.98 3.72 0.63
CA ASN E 122 6.74 2.47 0.66
C ASN E 122 7.38 2.16 -0.69
N TRP E 123 6.80 2.65 -1.79
CA TRP E 123 7.27 2.32 -3.12
C TRP E 123 7.90 3.52 -3.84
N CYS E 124 8.12 4.63 -3.15
CA CYS E 124 8.67 5.82 -3.80
C CYS E 124 10.13 5.60 -4.20
N PRO E 125 10.54 6.07 -5.38
CA PRO E 125 11.94 5.94 -5.78
C PRO E 125 12.90 6.79 -4.95
N GLY E 126 12.41 7.77 -4.20
CA GLY E 126 13.25 8.51 -3.28
C GLY E 126 13.63 9.90 -3.77
N PRO E 127 14.19 10.70 -2.85
CA PRO E 127 14.46 12.11 -3.15
C PRO E 127 15.49 12.33 -4.24
N ASN E 128 16.34 11.35 -4.51
CA ASN E 128 17.29 11.44 -5.62
C ASN E 128 16.95 10.48 -6.75
N GLY E 129 15.75 9.87 -6.72
CA GLY E 129 15.36 8.91 -7.72
C GLY E 129 14.06 9.23 -8.43
N GLY E 130 13.51 10.42 -8.18
CA GLY E 130 12.29 10.84 -8.85
C GLY E 130 11.08 11.04 -7.97
N CYS E 131 11.28 11.19 -6.66
CA CYS E 131 10.15 11.43 -5.76
C CYS E 131 9.37 12.67 -6.18
N VAL E 132 8.04 12.54 -6.28
CA VAL E 132 7.18 13.68 -6.57
C VAL E 132 6.30 14.06 -5.39
N HIS E 133 6.52 13.46 -4.21
CA HIS E 133 5.75 13.88 -3.04
C HIS E 133 6.04 15.34 -2.72
N ALA E 134 4.97 16.14 -2.52
CA ALA E 134 5.17 17.56 -2.25
C ALA E 134 5.93 17.79 -0.96
N VAL E 135 5.63 17.01 0.08
CA VAL E 135 6.47 16.89 1.26
C VAL E 135 7.42 15.75 0.94
N VAL E 136 8.67 16.08 0.62
CA VAL E 136 9.56 15.13 -0.05
C VAL E 136 9.92 13.98 0.88
N CYS E 137 10.07 12.79 0.28
CA CYS E 137 10.60 11.66 1.01
C CYS E 137 12.04 11.93 1.46
N LEU E 138 12.39 11.33 2.59
CA LEU E 138 13.77 11.35 3.06
C LEU E 138 14.59 10.22 2.49
N ARG E 139 13.95 9.19 1.94
CA ARG E 139 14.68 8.04 1.43
C ARG E 139 13.81 7.31 0.41
N GLN E 140 14.46 6.48 -0.39
CA GLN E 140 13.74 5.56 -1.26
C GLN E 140 12.91 4.60 -0.39
N GLY E 141 11.68 4.32 -0.83
CA GLY E 141 10.81 3.42 -0.11
C GLY E 141 11.38 2.01 -0.05
N PRO E 142 11.16 1.29 1.05
CA PRO E 142 11.76 -0.05 1.19
C PRO E 142 11.27 -1.06 0.17
N LEU E 143 10.12 -0.84 -0.44
CA LEU E 143 9.55 -1.79 -1.38
C LEU E 143 9.72 -1.34 -2.84
N TYR E 144 10.43 -0.23 -3.06
CA TYR E 144 10.73 0.18 -4.44
C TYR E 144 11.51 -0.90 -5.18
N GLY E 145 11.19 -1.08 -6.46
CA GLY E 145 11.96 -1.98 -7.28
C GLY E 145 11.13 -2.79 -8.26
N PRO E 146 11.75 -3.75 -8.95
CA PRO E 146 11.04 -4.49 -9.99
C PRO E 146 9.99 -5.44 -9.46
N GLY E 147 9.98 -5.74 -8.17
CA GLY E 147 9.03 -6.71 -7.65
C GLY E 147 9.46 -8.14 -7.93
N ALA E 148 8.60 -9.07 -7.49
CA ALA E 148 8.86 -10.51 -7.61
C ALA E 148 7.62 -11.22 -8.13
N THR E 149 7.06 -10.70 -9.21
CA THR E 149 5.83 -11.27 -9.77
C THR E 149 6.05 -12.70 -10.26
N VAL E 150 5.15 -13.60 -9.86
CA VAL E 150 5.30 -15.02 -10.18
C VAL E 150 4.82 -15.34 -11.58
N ALA E 151 3.70 -14.75 -12.00
CA ALA E 151 3.14 -15.02 -13.32
C ALA E 151 2.49 -13.75 -13.82
N GLY E 152 2.68 -13.47 -15.11
CA GLY E 152 2.14 -12.29 -15.73
C GLY E 152 0.84 -12.58 -16.46
N PRO E 153 0.30 -11.55 -17.12
CA PRO E 153 -0.96 -11.71 -17.85
C PRO E 153 -0.84 -12.73 -18.97
N GLN E 154 -1.87 -13.57 -19.10
CA GLN E 154 -1.77 -14.69 -20.03
C GLN E 154 -3.16 -15.28 -20.25
N GLN E 155 -3.35 -15.89 -21.43
CA GLN E 155 -4.57 -16.63 -21.69
C GLN E 155 -4.23 -17.92 -22.43
N ARG E 156 -5.08 -18.93 -22.25
CA ARG E 156 -4.89 -20.21 -22.94
C ARG E 156 -5.52 -20.20 -24.33
N GLY E 157 -6.67 -19.58 -24.48
CA GLY E 157 -7.36 -19.51 -25.75
C GLY E 157 -7.14 -18.19 -26.44
N SER E 158 -8.14 -17.75 -27.20
CA SER E 158 -8.09 -16.49 -27.92
C SER E 158 -9.33 -15.65 -27.62
N HIS E 159 -9.87 -15.76 -26.41
CA HIS E 159 -11.10 -15.03 -26.08
C HIS E 159 -10.84 -13.56 -25.74
N PHE E 160 -9.61 -13.16 -25.49
CA PHE E 160 -9.34 -11.84 -24.93
C PHE E 160 -8.38 -11.02 -25.77
N VAL E 161 -8.56 -9.69 -25.71
CA VAL E 161 -7.58 -8.73 -26.18
C VAL E 161 -7.26 -7.83 -24.99
N VAL E 162 -6.06 -7.25 -25.00
CA VAL E 162 -5.68 -6.35 -23.90
C VAL E 162 -6.48 -5.05 -23.97
N ALA F 1 -9.39 -29.02 -9.53
CA ALA F 1 -9.19 -30.36 -8.95
C ALA F 1 -7.78 -30.85 -9.19
N LEU F 2 -7.44 -31.93 -8.50
CA LEU F 2 -6.07 -32.44 -8.52
C LEU F 2 -5.44 -32.51 -9.91
N THR F 3 -6.05 -33.15 -10.91
CA THR F 3 -5.35 -33.38 -12.20
C THR F 3 -5.05 -32.12 -13.02
N ASN F 4 -3.89 -32.11 -13.69
CA ASN F 4 -3.52 -31.01 -14.60
C ASN F 4 -4.63 -30.88 -15.64
N ALA F 5 -5.10 -32.01 -16.14
CA ALA F 5 -6.20 -31.99 -17.11
C ALA F 5 -7.43 -31.30 -16.51
N GLN F 6 -7.75 -31.64 -15.25
CA GLN F 6 -8.95 -31.04 -14.60
C GLN F 6 -8.72 -29.54 -14.39
N ILE F 7 -7.50 -29.15 -14.04
CA ILE F 7 -7.18 -27.71 -13.82
C ILE F 7 -7.31 -26.97 -15.16
N LEU F 8 -6.76 -27.53 -16.23
CA LEU F 8 -6.81 -26.87 -17.56
C LEU F 8 -8.27 -26.72 -17.97
N ALA F 9 -9.08 -27.73 -17.68
CA ALA F 9 -10.51 -27.69 -18.01
C ALA F 9 -11.19 -26.59 -17.19
N VAL F 10 -10.81 -26.45 -15.93
CA VAL F 10 -11.35 -25.34 -15.14
C VAL F 10 -10.95 -24.00 -15.74
N ILE F 11 -9.66 -23.85 -16.09
CA ILE F 11 -9.21 -22.60 -16.69
C ILE F 11 -9.94 -22.35 -18.00
N ASP F 12 -10.11 -23.38 -18.83
CA ASP F 12 -10.75 -23.20 -20.12
C ASP F 12 -12.21 -22.82 -19.97
N SER F 13 -12.93 -23.44 -19.02
CA SER F 13 -14.34 -23.07 -18.86
C SER F 13 -14.48 -21.67 -18.28
N TRP F 14 -13.57 -21.31 -17.35
CA TRP F 14 -13.54 -19.95 -16.81
C TRP F 14 -13.29 -18.93 -17.92
N GLU F 15 -12.34 -19.21 -18.80
CA GLU F 15 -12.02 -18.23 -19.86
C GLU F 15 -13.21 -18.07 -20.82
N GLU F 16 -13.89 -19.17 -21.10
CA GLU F 16 -15.03 -19.12 -22.05
C GLU F 16 -16.17 -18.30 -21.46
N THR F 17 -16.46 -18.49 -20.17
CA THR F 17 -17.51 -17.71 -19.50
C THR F 17 -17.10 -16.23 -19.40
N VAL F 18 -15.88 -15.98 -18.92
CA VAL F 18 -15.43 -14.60 -18.79
C VAL F 18 -15.34 -13.93 -20.15
N GLY F 19 -15.02 -14.70 -21.19
CA GLY F 19 -14.94 -14.13 -22.53
C GLY F 19 -16.27 -13.59 -23.01
N GLN F 20 -17.37 -13.97 -22.37
CA GLN F 20 -18.69 -13.48 -22.70
C GLN F 20 -19.13 -12.31 -21.82
N PHE F 21 -18.33 -11.92 -20.82
CA PHE F 21 -18.62 -10.71 -20.07
C PHE F 21 -18.57 -9.50 -21.00
N PRO F 22 -19.36 -8.48 -20.73
CA PRO F 22 -19.26 -7.24 -21.53
C PRO F 22 -17.84 -6.67 -21.53
N VAL F 23 -17.38 -6.29 -22.72
CA VAL F 23 -16.08 -5.67 -22.89
C VAL F 23 -16.28 -4.16 -22.81
N ILE F 24 -15.66 -3.54 -21.82
CA ILE F 24 -15.79 -2.11 -21.55
C ILE F 24 -14.42 -1.47 -21.82
N THR F 25 -14.41 -0.45 -22.66
CA THR F 25 -13.17 0.26 -22.99
C THR F 25 -12.90 1.34 -21.95
N HIS F 26 -11.67 1.35 -21.42
CA HIS F 26 -11.25 2.38 -20.47
C HIS F 26 -9.98 3.05 -20.98
N HIS F 27 -10.01 4.37 -21.11
CA HIS F 27 -8.85 5.15 -21.48
C HIS F 27 -8.13 5.55 -20.20
N VAL F 28 -6.81 5.36 -20.19
CA VAL F 28 -6.06 5.37 -18.92
C VAL F 28 -4.78 6.16 -19.08
N PRO F 29 -4.32 6.80 -17.99
CA PRO F 29 -3.00 7.45 -18.03
C PRO F 29 -1.88 6.41 -18.02
N LEU F 30 -0.90 6.62 -18.89
CA LEU F 30 0.26 5.74 -18.97
C LEU F 30 1.49 6.29 -18.25
N GLY F 31 1.43 7.54 -17.80
CA GLY F 31 2.61 8.28 -17.38
C GLY F 31 3.21 8.99 -18.59
N GLY F 32 4.10 9.95 -18.30
CA GLY F 32 4.76 10.69 -19.38
C GLY F 32 3.82 11.51 -20.23
N GLY F 33 2.67 11.89 -19.68
CA GLY F 33 1.68 12.64 -20.43
C GLY F 33 0.97 11.88 -21.52
N LEU F 34 1.13 10.56 -21.59
CA LEU F 34 0.54 9.72 -22.62
C LEU F 34 -0.68 8.98 -22.08
N GLN F 35 -1.56 8.59 -22.99
CA GLN F 35 -2.78 7.89 -22.63
C GLN F 35 -2.93 6.64 -23.50
N GLY F 36 -3.49 5.59 -22.91
CA GLY F 36 -3.71 4.33 -23.61
C GLY F 36 -5.13 3.82 -23.41
N THR F 37 -5.38 2.64 -23.96
CA THR F 37 -6.72 2.08 -23.98
C THR F 37 -6.67 0.63 -23.49
N LEU F 38 -7.51 0.30 -22.52
CA LEU F 38 -7.63 -1.06 -22.01
C LEU F 38 -9.05 -1.55 -22.27
N HIS F 39 -9.18 -2.87 -22.50
CA HIS F 39 -10.48 -3.49 -22.74
C HIS F 39 -10.74 -4.47 -21.59
N CYS F 40 -11.57 -4.04 -20.63
CA CYS F 40 -11.85 -4.86 -19.45
C CYS F 40 -13.07 -5.72 -19.70
N TYR F 41 -13.02 -6.96 -19.23
CA TYR F 41 -14.14 -7.89 -19.38
C TYR F 41 -14.83 -7.95 -18.01
N GLU F 42 -15.93 -7.22 -17.87
CA GLU F 42 -16.44 -6.86 -16.55
C GLU F 42 -17.59 -7.77 -16.12
N ILE F 43 -17.45 -8.38 -14.96
CA ILE F 43 -18.52 -9.22 -14.41
C ILE F 43 -19.75 -8.36 -14.14
N PRO F 44 -20.97 -8.86 -14.37
CA PRO F 44 -22.15 -8.03 -14.16
C PRO F 44 -22.27 -7.54 -12.72
N LEU F 45 -23.01 -6.43 -12.57
CA LEU F 45 -23.21 -5.81 -11.26
C LEU F 45 -24.13 -6.63 -10.37
N ALA F 46 -24.95 -7.51 -10.95
CA ALA F 46 -25.94 -8.24 -10.16
C ALA F 46 -26.18 -9.60 -10.80
N ALA F 47 -26.74 -10.50 -10.00
CA ALA F 47 -26.98 -11.84 -10.48
C ALA F 47 -28.00 -11.80 -11.62
N PRO F 48 -27.86 -12.68 -12.61
CA PRO F 48 -26.83 -13.72 -12.74
C PRO F 48 -25.51 -13.18 -13.29
N TYR F 49 -24.38 -13.71 -12.82
CA TYR F 49 -23.06 -13.23 -13.22
C TYR F 49 -22.45 -14.04 -14.35
N GLY F 50 -22.81 -15.31 -14.46
CA GLY F 50 -22.24 -16.21 -15.43
C GLY F 50 -22.10 -17.57 -14.80
N VAL F 51 -22.05 -18.59 -15.65
CA VAL F 51 -22.04 -19.98 -15.18
C VAL F 51 -20.83 -20.20 -14.29
N GLY F 52 -21.07 -20.61 -13.05
CA GLY F 52 -20.02 -20.88 -12.09
C GLY F 52 -19.66 -19.72 -11.17
N PHE F 53 -20.22 -18.52 -11.37
CA PHE F 53 -19.82 -17.35 -10.61
C PHE F 53 -20.88 -16.94 -9.59
N ALA F 54 -20.42 -16.49 -8.43
CA ALA F 54 -21.29 -15.96 -7.38
C ALA F 54 -20.53 -14.92 -6.57
N LYS F 55 -21.28 -13.94 -6.09
CA LYS F 55 -20.72 -12.81 -5.36
C LYS F 55 -20.68 -13.12 -3.87
N ASN F 56 -19.49 -13.05 -3.26
CA ASN F 56 -19.36 -13.18 -1.83
C ASN F 56 -19.07 -11.86 -1.12
N GLY F 57 -18.83 -10.77 -1.85
CA GLY F 57 -18.68 -9.48 -1.21
C GLY F 57 -18.95 -8.38 -2.20
N PRO F 58 -19.11 -7.13 -1.72
CA PRO F 58 -19.46 -6.04 -2.64
C PRO F 58 -18.64 -6.02 -3.93
N THR F 59 -17.34 -6.26 -3.84
CA THR F 59 -16.50 -6.47 -5.03
C THR F 59 -15.62 -7.71 -4.85
N ARG F 60 -16.22 -8.81 -4.39
CA ARG F 60 -15.54 -10.10 -4.30
C ARG F 60 -16.46 -11.14 -4.93
N TRP F 61 -15.88 -12.03 -5.76
CA TRP F 61 -16.62 -13.12 -6.38
C TRP F 61 -15.82 -14.42 -6.25
N GLN F 62 -16.52 -15.54 -6.44
CA GLN F 62 -15.92 -16.86 -6.43
C GLN F 62 -16.39 -17.64 -7.64
N TYR F 63 -15.52 -18.50 -8.16
CA TYR F 63 -15.83 -19.42 -9.24
C TYR F 63 -15.92 -20.83 -8.63
N LYS F 64 -16.94 -21.57 -9.02
CA LYS F 64 -17.15 -22.92 -8.44
C LYS F 64 -17.45 -23.95 -9.53
N ARG F 65 -16.85 -25.13 -9.39
CA ARG F 65 -17.15 -26.24 -10.32
C ARG F 65 -17.30 -27.55 -9.54
N THR F 66 -18.12 -28.45 -10.06
CA THR F 66 -18.30 -29.78 -9.43
C THR F 66 -17.42 -30.76 -10.22
N ILE F 67 -16.43 -31.33 -9.55
CA ILE F 67 -15.48 -32.27 -10.20
C ILE F 67 -15.45 -33.55 -9.35
N ASN F 68 -15.67 -34.69 -10.00
CA ASN F 68 -15.75 -35.97 -9.25
C ASN F 68 -16.79 -35.82 -8.14
N GLN F 69 -17.94 -35.21 -8.45
CA GLN F 69 -19.06 -35.10 -7.49
C GLN F 69 -18.69 -34.22 -6.29
N VAL F 70 -17.53 -33.57 -6.31
CA VAL F 70 -17.11 -32.64 -5.22
C VAL F 70 -17.14 -31.19 -5.74
N VAL F 71 -17.60 -30.27 -4.90
CA VAL F 71 -17.57 -28.83 -5.30
C VAL F 71 -16.19 -28.25 -4.99
N HIS F 72 -15.56 -27.61 -5.99
CA HIS F 72 -14.27 -26.91 -5.82
C HIS F 72 -14.56 -25.43 -6.04
N ARG F 73 -14.01 -24.58 -5.19
CA ARG F 73 -14.30 -23.13 -5.27
C ARG F 73 -13.00 -22.32 -5.14
N TRP F 74 -12.89 -21.26 -5.92
CA TRP F 74 -11.73 -20.39 -5.95
C TRP F 74 -12.15 -18.92 -5.98
N GLY F 75 -11.31 -18.04 -5.45
CA GLY F 75 -11.50 -16.62 -5.70
C GLY F 75 -11.56 -16.38 -7.21
N SER F 76 -12.49 -15.52 -7.64
CA SER F 76 -12.84 -15.47 -9.06
C SER F 76 -11.69 -15.01 -9.96
N HIS F 77 -10.72 -14.26 -9.43
CA HIS F 77 -9.58 -13.82 -10.22
C HIS F 77 -8.38 -14.74 -10.12
N THR F 78 -8.44 -15.79 -9.28
CA THR F 78 -7.28 -16.67 -9.08
C THR F 78 -7.20 -17.78 -10.13
N VAL F 79 -8.29 -18.02 -10.86
CA VAL F 79 -8.37 -19.19 -11.72
C VAL F 79 -7.29 -19.23 -12.81
N PRO F 80 -6.91 -18.12 -13.46
CA PRO F 80 -5.84 -18.21 -14.48
C PRO F 80 -4.53 -18.77 -13.95
N PHE F 81 -4.31 -18.72 -12.64
CA PHE F 81 -3.00 -19.02 -12.06
C PHE F 81 -3.00 -20.33 -11.28
N LEU F 82 -3.98 -21.20 -11.54
CA LEU F 82 -4.13 -22.43 -10.75
C LEU F 82 -2.93 -23.38 -10.91
N LEU F 83 -2.12 -23.23 -11.95
CA LEU F 83 -0.94 -24.04 -12.14
C LEU F 83 0.34 -23.38 -11.65
N GLU F 84 0.23 -22.23 -11.02
CA GLU F 84 1.38 -21.48 -10.55
C GLU F 84 1.60 -21.73 -9.07
N PRO F 85 2.84 -21.54 -8.60
CA PRO F 85 3.06 -21.60 -7.14
C PRO F 85 2.13 -20.62 -6.43
N ASP F 86 1.63 -21.01 -5.27
CA ASP F 86 0.68 -20.17 -4.55
C ASP F 86 1.37 -19.30 -3.51
N ASN F 87 2.69 -19.35 -3.45
CA ASN F 87 3.44 -18.45 -2.58
C ASN F 87 4.74 -18.08 -3.27
N ILE F 88 5.35 -17.03 -2.75
CA ILE F 88 6.64 -16.56 -3.23
C ILE F 88 7.37 -15.93 -2.05
N ASN F 89 8.60 -16.39 -1.82
CA ASN F 89 9.41 -15.92 -0.70
C ASN F 89 8.65 -16.02 0.62
N GLY F 90 7.77 -17.01 0.73
CA GLY F 90 6.96 -17.15 1.92
C GLY F 90 5.80 -16.19 2.05
N LYS F 91 5.43 -15.52 0.96
CA LYS F 91 4.31 -14.60 0.96
C LYS F 91 3.25 -15.15 0.02
N THR F 92 1.98 -15.02 0.40
CA THR F 92 0.90 -15.55 -0.42
C THR F 92 0.81 -14.83 -1.74
N CYS F 93 0.66 -15.59 -2.82
CA CYS F 93 0.41 -14.99 -4.12
C CYS F 93 -1.04 -14.56 -4.22
N THR F 94 -1.26 -13.39 -4.80
CA THR F 94 -2.56 -12.80 -4.99
C THR F 94 -2.75 -12.47 -6.45
N ALA F 95 -4.00 -12.57 -6.89
CA ALA F 95 -4.42 -11.98 -8.15
C ALA F 95 -4.34 -10.46 -8.03
N SER F 96 -3.72 -9.81 -9.01
CA SER F 96 -3.37 -8.40 -8.96
C SER F 96 -3.84 -7.74 -10.26
N HIS F 97 -4.73 -6.77 -10.13
CA HIS F 97 -5.32 -6.10 -11.29
C HIS F 97 -4.37 -5.04 -11.85
N LEU F 98 -3.85 -5.27 -13.04
CA LEU F 98 -3.06 -4.24 -13.70
C LEU F 98 -3.93 -3.08 -14.16
N CYS F 99 -5.22 -3.33 -14.40
CA CYS F 99 -6.15 -2.28 -14.77
C CYS F 99 -6.82 -1.61 -13.57
N HIS F 100 -6.55 -2.08 -12.35
CA HIS F 100 -7.11 -1.44 -11.14
C HIS F 100 -8.64 -1.36 -11.20
N ASN F 101 -9.27 -2.40 -11.75
CA ASN F 101 -10.70 -2.45 -12.01
C ASN F 101 -11.21 -3.79 -11.49
N THR F 102 -11.73 -3.82 -10.27
CA THR F 102 -11.98 -5.10 -9.61
CA THR F 102 -12.01 -5.09 -9.59
C THR F 102 -12.97 -5.97 -10.38
N ARG F 103 -14.01 -5.37 -10.99
CA ARG F 103 -14.98 -6.20 -11.73
C ARG F 103 -14.37 -6.86 -12.97
N CYS F 104 -13.25 -6.35 -13.46
CA CYS F 104 -12.64 -6.92 -14.65
C CYS F 104 -12.09 -8.30 -14.35
N HIS F 105 -12.36 -9.26 -15.24
CA HIS F 105 -11.78 -10.59 -15.14
C HIS F 105 -10.93 -10.95 -16.36
N ASN F 106 -10.55 -9.96 -17.17
CA ASN F 106 -9.65 -10.20 -18.30
C ASN F 106 -8.30 -10.72 -17.79
N PRO F 107 -7.93 -11.95 -18.10
CA PRO F 107 -6.63 -12.45 -17.62
C PRO F 107 -5.44 -11.71 -18.21
N LEU F 108 -5.63 -11.00 -19.33
CA LEU F 108 -4.57 -10.15 -19.86
C LEU F 108 -4.38 -8.89 -19.03
N HIS F 109 -5.24 -8.68 -18.02
CA HIS F 109 -5.13 -7.58 -17.09
C HIS F 109 -4.76 -8.04 -15.68
N LEU F 110 -4.42 -9.32 -15.50
CA LEU F 110 -4.13 -9.86 -14.18
C LEU F 110 -2.70 -10.37 -14.12
N CYS F 111 -2.10 -10.26 -12.94
CA CYS F 111 -0.86 -10.98 -12.65
C CYS F 111 -0.98 -11.61 -11.28
N TRP F 112 0.07 -12.32 -10.88
CA TRP F 112 0.05 -13.23 -9.73
C TRP F 112 1.29 -12.88 -8.93
N GLU F 113 1.11 -12.21 -7.79
CA GLU F 113 2.25 -11.61 -7.08
C GLU F 113 1.88 -11.38 -5.63
N SER F 114 2.88 -11.05 -4.82
CA SER F 114 2.64 -10.79 -3.40
C SER F 114 1.67 -9.63 -3.22
N LEU F 115 1.01 -9.60 -2.05
CA LEU F 115 0.09 -8.50 -1.76
C LEU F 115 0.83 -7.16 -1.74
N ASP F 116 2.09 -7.16 -1.29
CA ASP F 116 2.88 -5.92 -1.33
C ASP F 116 3.12 -5.44 -2.77
N ASP F 117 3.50 -6.34 -3.68
CA ASP F 117 3.72 -5.94 -5.07
C ASP F 117 2.42 -5.40 -5.68
N ASN F 118 1.34 -6.13 -5.42
CA ASN F 118 -0.02 -5.77 -5.81
C ASN F 118 -0.35 -4.34 -5.36
N LYS F 119 -0.31 -4.09 -4.05
CA LYS F 119 -0.62 -2.77 -3.53
C LYS F 119 0.25 -1.70 -4.20
N GLY F 120 1.55 -1.97 -4.30
CA GLY F 120 2.47 -0.94 -4.77
C GLY F 120 2.15 -0.43 -6.16
N ARG F 121 1.51 -1.27 -6.98
CA ARG F 121 1.13 -0.74 -8.30
C ARG F 121 0.19 0.46 -8.22
N ASN F 122 -0.51 0.68 -7.11
CA ASN F 122 -1.41 1.84 -7.02
C ASN F 122 -0.66 3.16 -7.18
N TRP F 123 0.64 3.18 -6.87
CA TRP F 123 1.41 4.42 -6.91
C TRP F 123 2.45 4.44 -8.03
N CYS F 124 2.41 3.47 -8.93
CA CYS F 124 3.42 3.39 -9.98
C CYS F 124 3.24 4.54 -10.99
N PRO F 125 4.32 5.16 -11.44
CA PRO F 125 4.18 6.22 -12.47
C PRO F 125 3.69 5.72 -13.82
N GLY F 126 3.76 4.42 -14.08
CA GLY F 126 3.18 3.85 -15.28
C GLY F 126 4.18 3.52 -16.35
N PRO F 127 3.73 2.77 -17.36
CA PRO F 127 4.66 2.24 -18.37
C PRO F 127 5.35 3.29 -19.21
N ASN F 128 4.83 4.53 -19.26
CA ASN F 128 5.50 5.61 -19.98
C ASN F 128 6.00 6.70 -19.04
N GLY F 129 5.96 6.45 -17.74
CA GLY F 129 6.39 7.41 -16.75
C GLY F 129 7.47 6.90 -15.82
N GLY F 130 8.00 5.70 -16.11
CA GLY F 130 9.11 5.19 -15.33
C GLY F 130 8.86 3.92 -14.56
N CYS F 131 7.80 3.18 -14.90
CA CYS F 131 7.53 1.92 -14.23
C CYS F 131 8.74 1.00 -14.32
N VAL F 132 9.15 0.44 -13.18
CA VAL F 132 10.23 -0.53 -13.15
C VAL F 132 9.74 -1.93 -12.81
N HIS F 133 8.43 -2.15 -12.74
CA HIS F 133 7.93 -3.50 -12.47
C HIS F 133 8.37 -4.45 -13.57
N ALA F 134 8.95 -5.59 -13.16
CA ALA F 134 9.44 -6.56 -14.14
C ALA F 134 8.31 -7.09 -15.00
N VAL F 135 7.15 -7.34 -14.39
CA VAL F 135 5.91 -7.55 -15.12
C VAL F 135 5.26 -6.17 -15.19
N VAL F 136 5.34 -5.56 -16.38
CA VAL F 136 5.13 -4.12 -16.50
C VAL F 136 3.68 -3.75 -16.22
N CYS F 137 3.50 -2.57 -15.63
CA CYS F 137 2.16 -2.01 -15.47
C CYS F 137 1.54 -1.71 -16.83
N LEU F 138 0.21 -1.81 -16.86
CA LEU F 138 -0.58 -1.38 -18.00
C LEU F 138 -0.96 0.09 -17.92
N ARG F 139 -0.87 0.71 -16.74
CA ARG F 139 -1.27 2.10 -16.60
C ARG F 139 -0.57 2.70 -15.39
N GLN F 140 -0.53 4.03 -15.35
CA GLN F 140 -0.12 4.71 -14.13
C GLN F 140 -1.09 4.37 -13.00
N GLY F 141 -0.55 4.12 -11.81
CA GLY F 141 -1.39 3.80 -10.67
C GLY F 141 -2.31 4.96 -10.33
N PRO F 142 -3.53 4.64 -9.88
CA PRO F 142 -4.51 5.72 -9.61
C PRO F 142 -4.11 6.66 -8.49
N LEU F 143 -3.18 6.29 -7.62
CA LEU F 143 -2.78 7.12 -6.50
C LEU F 143 -1.44 7.81 -6.70
N TYR F 144 -0.82 7.64 -7.87
CA TYR F 144 0.40 8.36 -8.17
C TYR F 144 0.17 9.86 -8.11
N GLY F 145 1.13 10.59 -7.57
CA GLY F 145 1.07 12.03 -7.54
C GLY F 145 1.71 12.63 -6.31
N PRO F 146 1.56 13.95 -6.14
CA PRO F 146 2.25 14.66 -5.05
C PRO F 146 1.69 14.38 -3.68
N GLY F 147 0.49 13.78 -3.57
CA GLY F 147 -0.14 13.62 -2.27
C GLY F 147 -0.75 14.91 -1.76
N ALA F 148 -1.36 14.82 -0.58
CA ALA F 148 -2.04 15.95 0.07
C ALA F 148 -1.62 16.03 1.54
N THR F 149 -0.32 16.02 1.78
CA THR F 149 0.23 16.05 3.13
C THR F 149 -0.15 17.35 3.85
N VAL F 150 -0.68 17.20 5.08
CA VAL F 150 -1.17 18.35 5.84
C VAL F 150 -0.03 19.05 6.57
N ALA F 151 0.90 18.29 7.12
CA ALA F 151 2.00 18.88 7.87
C ALA F 151 3.24 18.03 7.64
N GLY F 152 4.38 18.70 7.49
CA GLY F 152 5.64 18.05 7.28
C GLY F 152 6.43 17.92 8.56
N PRO F 153 7.63 17.36 8.44
CA PRO F 153 8.49 17.18 9.63
C PRO F 153 8.86 18.52 10.25
N GLN F 154 8.80 18.56 11.59
CA GLN F 154 8.97 19.80 12.33
C GLN F 154 9.26 19.49 13.79
N GLN F 155 9.97 20.42 14.43
CA GLN F 155 10.22 20.36 15.86
C GLN F 155 10.09 21.76 16.42
N ARG F 156 9.70 21.84 17.69
CA ARG F 156 9.61 23.11 18.40
C ARG F 156 10.94 23.51 19.02
N GLY F 157 11.69 22.55 19.54
CA GLY F 157 12.95 22.83 20.22
C GLY F 157 14.14 22.55 19.33
N SER F 158 15.26 22.18 19.97
CA SER F 158 16.51 21.94 19.26
C SER F 158 17.11 20.59 19.62
N HIS F 159 16.26 19.59 19.88
CA HIS F 159 16.73 18.27 20.29
C HIS F 159 16.98 17.30 19.15
N PHE F 160 16.52 17.58 17.92
CA PHE F 160 16.55 16.61 16.85
C PHE F 160 17.33 17.11 15.64
N VAL F 161 17.93 16.15 14.93
CA VAL F 161 18.51 16.33 13.61
C VAL F 161 17.91 15.31 12.66
N VAL F 162 17.94 15.63 11.37
CA VAL F 162 17.48 14.66 10.37
C VAL F 162 18.45 13.48 10.34
C1 GOL G . -6.26 4.37 9.83
O1 GOL G . -7.10 3.92 8.77
C2 GOL G . -7.09 4.90 10.98
O2 GOL G . -7.61 3.84 11.77
C3 GOL G . -6.34 5.88 11.86
O3 GOL G . -7.09 6.18 13.02
MN MN H . -4.29 -4.34 -6.92
NA NA I . -4.31 -4.38 -6.95
MN MN J . 4.26 4.59 6.58
NA NA K . 4.25 4.53 6.53
C1 GOL L . -4.72 -13.63 0.51
O1 GOL L . -5.22 -14.94 0.76
C2 GOL L . -4.38 -12.92 1.79
O2 GOL L . -5.45 -13.04 2.73
C3 GOL L . -4.02 -11.47 1.60
O3 GOL L . -3.16 -10.99 2.64
ZN ZN M . 8.41 10.26 -2.31
ZN ZN N . 13.56 7.81 11.92
C1 GOL O . 15.94 3.92 8.26
O1 GOL O . 15.25 4.25 7.06
C2 GOL O . 16.10 2.43 8.43
O2 GOL O . 15.31 1.71 7.49
C3 GOL O . 15.82 1.94 9.83
O3 GOL O . 15.59 0.56 9.91
C1 GOL P . 15.83 -0.68 13.77
O1 GOL P . 15.95 0.63 13.25
C2 GOL P . 14.39 -1.12 13.88
O2 GOL P . 13.67 -0.22 14.73
C3 GOL P . 14.23 -2.56 14.33
O3 GOL P . 13.79 -2.66 15.68
ZN ZN Q . 4.69 -0.30 -12.56
ZN ZN R . -9.31 -4.81 -16.87
C1 GOL S . -11.63 1.56 -14.85
O1 GOL S . -12.37 1.26 -13.68
C2 GOL S . -10.14 1.61 -14.56
O2 GOL S . -9.83 2.80 -13.84
C3 GOL S . -9.30 1.50 -15.81
O3 GOL S . -7.92 1.35 -15.49
#